data_5CFV
#
_entry.id   5CFV
#
_cell.length_a   173.883
_cell.length_b   55.334
_cell.length_c   49.670
_cell.angle_alpha   90.000
_cell.angle_beta   91.520
_cell.angle_gamma   90.000
#
_symmetry.space_group_name_H-M   'C 1 2 1'
#
loop_
_entity.id
_entity.type
_entity.pdbx_description
1 polymer 'Maltose-binding periplasmic protein,Maltose-binding periplasmic protein,PilA fusion protein'
2 branched alpha-D-glucopyranose-(1-4)-alpha-D-glucopyranose
3 non-polymer (4S)-2-METHYL-2,4-PENTANEDIOL
4 non-polymer GLYCEROL
5 non-polymer 'MAGNESIUM ION'
6 water water
#
_entity_poly.entity_id   1
_entity_poly.type   'polypeptide(L)'
_entity_poly.pdbx_seq_one_letter_code
;MKIEEGKLVIWINGDKGYNGLAEVGKKFEKDTGIKVTVEHPDKLEEKFPQVAATGDGPDIIFWAHDRFGGYAQSGLLAEI
TPDKAFQAALYPFTWDAVRYNGKLIAYPIAVEALSLIYNKDLLPNPPKTWEEIPALDKELKAKGKSALMFNLQEPYFTWP
LIAADGGYAFKYENGKYDIKDVGVDNAGAKAGLTFLVDLIKNKHMNADTDYSIAEAAFNKGETAMTINGPWAWSNIDTSK
VNYGVTVLPTFKGQPSKPFVGVLSAGINAASPNKELAKEFLENYLLTDEGLEAVNKDKPLGAVALKSYEEELAKDPRIAA
TMENAQKGEIMPNIPQMSAFWYAVRTAVINAASGRQTVDEALKDAQTNAAAAYQNYIAKSQASEAFTLADGLKTTINTNL
QAGTCFAGGATAVTAADKVSGKYGDAEIGGTAPNCTITYTFKSSGVSNKLTSTKIVMNVSETGILTKNSGTDTPVELLPQ
SFVASGSLEHHHHHH
;
_entity_poly.pdbx_strand_id   A
#
# COMPACT_ATOMS: atom_id res chain seq x y z
N ILE A 3 14.19 5.34 14.73
CA ILE A 3 13.91 3.92 14.92
C ILE A 3 14.79 3.33 16.01
N GLU A 4 14.16 2.74 17.03
CA GLU A 4 14.88 2.18 18.17
C GLU A 4 15.70 0.94 17.80
N GLU A 5 16.95 0.92 18.25
CA GLU A 5 17.80 -0.26 18.09
C GLU A 5 17.46 -1.28 19.19
N GLY A 6 17.51 -2.56 18.85
CA GLY A 6 17.20 -3.60 19.83
C GLY A 6 15.72 -3.94 19.94
N LYS A 7 14.90 -3.29 19.13
CA LYS A 7 13.46 -3.57 19.07
C LYS A 7 13.00 -3.77 17.62
N LEU A 8 11.79 -4.30 17.46
CA LEU A 8 11.21 -4.43 16.13
C LEU A 8 9.81 -3.83 16.12
N VAL A 9 9.62 -2.79 15.32
CA VAL A 9 8.31 -2.23 15.09
C VAL A 9 7.80 -2.71 13.74
N ILE A 10 6.58 -3.23 13.71
CA ILE A 10 6.03 -3.77 12.48
C ILE A 10 4.75 -3.03 12.15
N TRP A 11 4.60 -2.62 10.89
CA TRP A 11 3.33 -2.03 10.44
C TRP A 11 2.64 -2.97 9.47
N ILE A 12 1.35 -3.20 9.68
CA ILE A 12 0.58 -4.04 8.78
C ILE A 12 -0.84 -3.50 8.75
N ASN A 13 -1.54 -3.71 7.65
CA ASN A 13 -2.84 -3.07 7.51
C ASN A 13 -3.88 -3.65 8.47
N GLY A 14 -4.83 -2.80 8.85
CA GLY A 14 -5.81 -3.15 9.86
C GLY A 14 -6.75 -4.28 9.51
N ASP A 15 -6.82 -4.67 8.24
CA ASP A 15 -7.73 -5.75 7.86
C ASP A 15 -7.02 -7.10 7.91
N LYS A 16 -5.72 -7.10 8.23
CA LYS A 16 -4.92 -8.32 8.28
C LYS A 16 -4.80 -8.91 9.69
N GLY A 17 -4.19 -10.09 9.78
CA GLY A 17 -4.08 -10.81 11.04
C GLY A 17 -2.99 -10.32 11.97
N TYR A 18 -3.05 -9.05 12.37
CA TYR A 18 -1.96 -8.45 13.14
C TYR A 18 -1.89 -8.92 14.59
N ASN A 19 -3.01 -9.39 15.14
CA ASN A 19 -2.96 -9.98 16.47
C ASN A 19 -2.22 -11.32 16.42
N GLY A 20 -2.51 -12.13 15.40
CA GLY A 20 -1.76 -13.36 15.17
C GLY A 20 -0.28 -13.07 14.91
N LEU A 21 -0.01 -11.99 14.17
CA LEU A 21 1.37 -11.60 13.92
C LEU A 21 2.08 -11.20 15.21
N ALA A 22 1.37 -10.49 16.07
CA ALA A 22 1.92 -10.11 17.36
C ALA A 22 2.24 -11.33 18.24
N GLU A 23 1.53 -12.43 18.04
CA GLU A 23 1.83 -13.67 18.77
C GLU A 23 3.14 -14.27 18.30
N VAL A 24 3.42 -14.16 17.01
CA VAL A 24 4.72 -14.58 16.47
C VAL A 24 5.77 -13.66 17.06
N GLY A 25 5.45 -12.37 17.11
CA GLY A 25 6.26 -11.38 17.80
C GLY A 25 6.62 -11.75 19.24
N LYS A 26 5.62 -12.12 20.04
CA LYS A 26 5.85 -12.48 21.44
C LYS A 26 6.78 -13.68 21.56
N LYS A 27 6.64 -14.62 20.64
CA LYS A 27 7.50 -15.79 20.57
C LYS A 27 8.97 -15.41 20.32
N PHE A 28 9.17 -14.50 19.38
CA PHE A 28 10.50 -13.98 19.05
C PHE A 28 11.10 -13.27 20.26
N GLU A 29 10.24 -12.55 20.98
CA GLU A 29 10.67 -11.85 22.18
C GLU A 29 11.10 -12.82 23.27
N LYS A 30 10.44 -13.97 23.34
CA LYS A 30 10.82 -15.00 24.32
C LYS A 30 12.18 -15.59 24.00
N ASP A 31 12.40 -15.92 22.73
CA ASP A 31 13.63 -16.59 22.32
C ASP A 31 14.85 -15.68 22.27
N THR A 32 14.65 -14.39 22.08
CA THR A 32 15.74 -13.49 21.79
C THR A 32 15.82 -12.32 22.77
N GLY A 33 14.73 -12.07 23.48
CA GLY A 33 14.68 -10.89 24.34
C GLY A 33 14.36 -9.62 23.58
N ILE A 34 14.24 -9.72 22.26
CA ILE A 34 13.89 -8.56 21.42
C ILE A 34 12.38 -8.30 21.39
N LYS A 35 11.96 -7.16 21.92
CA LYS A 35 10.54 -6.82 21.94
C LYS A 35 10.01 -6.47 20.54
N VAL A 36 8.88 -7.07 20.17
CA VAL A 36 8.25 -6.81 18.89
C VAL A 36 6.92 -6.09 19.08
N THR A 37 6.75 -4.96 18.39
CA THR A 37 5.50 -4.21 18.50
C THR A 37 4.83 -4.13 17.14
N VAL A 38 3.60 -4.62 17.06
CA VAL A 38 2.84 -4.62 15.81
C VAL A 38 1.81 -3.51 15.83
N GLU A 39 1.90 -2.60 14.86
CA GLU A 39 0.95 -1.50 14.73
C GLU A 39 0.22 -1.55 13.39
N HIS A 40 -0.96 -0.94 13.35
CA HIS A 40 -1.75 -0.89 12.13
C HIS A 40 -2.32 0.51 11.85
N PRO A 41 -1.43 1.46 11.53
CA PRO A 41 -1.87 2.84 11.30
C PRO A 41 -2.84 2.93 10.12
N ASP A 42 -3.77 3.87 10.19
CA ASP A 42 -4.62 4.13 9.04
C ASP A 42 -3.76 4.76 7.95
N LYS A 43 -4.07 4.48 6.69
CA LYS A 43 -3.33 5.04 5.55
C LYS A 43 -1.85 4.71 5.65
N LEU A 44 -1.57 3.53 6.18
CA LEU A 44 -0.22 3.04 6.36
C LEU A 44 0.64 3.09 5.09
N GLU A 45 0.05 2.73 3.97
CA GLU A 45 0.79 2.65 2.71
C GLU A 45 1.18 4.05 2.23
N GLU A 46 0.52 5.09 2.74
CA GLU A 46 0.93 6.44 2.40
CA GLU A 46 0.85 6.47 2.44
C GLU A 46 1.75 7.07 3.52
N LYS A 47 1.54 6.62 4.76
CA LYS A 47 2.31 7.15 5.89
C LYS A 47 3.77 6.68 5.85
N PHE A 48 4.00 5.41 5.50
CA PHE A 48 5.35 4.84 5.52
C PHE A 48 6.38 5.61 4.69
N PRO A 49 6.05 5.97 3.43
CA PRO A 49 7.08 6.70 2.70
C PRO A 49 7.42 8.05 3.34
N GLN A 50 6.45 8.69 3.98
CA GLN A 50 6.69 9.95 4.69
C GLN A 50 7.62 9.78 5.88
N VAL A 51 7.30 8.85 6.78
CA VAL A 51 8.13 8.63 7.96
C VAL A 51 9.48 8.00 7.64
N ALA A 52 9.53 7.16 6.61
CA ALA A 52 10.81 6.56 6.25
C ALA A 52 11.73 7.60 5.61
N ALA A 53 11.13 8.65 5.05
CA ALA A 53 11.89 9.74 4.45
C ALA A 53 12.69 10.51 5.51
N THR A 54 12.14 10.63 6.71
CA THR A 54 12.85 11.29 7.81
C THR A 54 13.69 10.29 8.62
N GLY A 55 13.81 9.07 8.12
CA GLY A 55 14.57 8.04 8.80
C GLY A 55 13.85 7.34 9.94
N ASP A 56 12.54 7.55 10.04
CA ASP A 56 11.75 6.94 11.11
C ASP A 56 10.84 5.86 10.52
N GLY A 57 9.79 5.50 11.25
CA GLY A 57 8.84 4.50 10.82
C GLY A 57 9.09 3.14 11.44
N PRO A 58 8.45 2.08 10.88
CA PRO A 58 8.63 0.69 11.30
C PRO A 58 9.90 0.06 10.76
N ASP A 59 10.42 -0.97 11.43
CA ASP A 59 11.52 -1.75 10.88
C ASP A 59 11.04 -2.57 9.71
N ILE A 60 9.80 -3.05 9.80
CA ILE A 60 9.21 -3.92 8.79
C ILE A 60 7.85 -3.39 8.38
N ILE A 61 7.62 -3.30 7.07
CA ILE A 61 6.32 -2.88 6.55
C ILE A 61 5.72 -3.99 5.69
N PHE A 62 4.45 -4.31 5.96
CA PHE A 62 3.69 -5.27 5.19
C PHE A 62 2.75 -4.53 4.27
N TRP A 63 2.70 -4.92 2.99
CA TRP A 63 1.65 -4.44 2.07
C TRP A 63 1.63 -5.37 0.86
N ALA A 64 0.61 -5.26 0.01
CA ALA A 64 0.68 -5.95 -1.28
C ALA A 64 1.91 -5.44 -2.04
N HIS A 65 2.43 -6.26 -2.92
CA HIS A 65 3.70 -5.97 -3.59
C HIS A 65 3.65 -4.76 -4.54
N ASP A 66 2.45 -4.33 -4.94
CA ASP A 66 2.36 -3.26 -5.94
C ASP A 66 2.99 -1.95 -5.45
N ARG A 67 3.02 -1.70 -4.14
CA ARG A 67 3.54 -0.43 -3.63
C ARG A 67 5.08 -0.44 -3.47
N PHE A 68 5.68 -1.61 -3.53
CA PHE A 68 7.08 -1.73 -3.14
C PHE A 68 8.09 -1.21 -4.17
N GLY A 69 7.75 -1.24 -5.46
CA GLY A 69 8.64 -0.66 -6.47
C GLY A 69 8.82 0.82 -6.24
N GLY A 70 7.72 1.50 -5.88
CA GLY A 70 7.75 2.91 -5.51
C GLY A 70 8.63 3.17 -4.29
N TYR A 71 8.46 2.34 -3.26
CA TYR A 71 9.29 2.45 -2.06
C TYR A 71 10.77 2.21 -2.39
N ALA A 72 11.05 1.16 -3.17
CA ALA A 72 12.43 0.85 -3.54
C ALA A 72 13.06 1.99 -4.33
N GLN A 73 12.29 2.55 -5.24
CA GLN A 73 12.79 3.62 -6.10
C GLN A 73 13.18 4.83 -5.26
N SER A 74 12.46 5.06 -4.16
CA SER A 74 12.69 6.21 -3.30
C SER A 74 13.76 5.91 -2.24
N GLY A 75 14.43 4.77 -2.37
CA GLY A 75 15.51 4.39 -1.47
C GLY A 75 15.05 4.00 -0.07
N LEU A 76 13.79 3.61 0.07
CA LEU A 76 13.22 3.38 1.40
C LEU A 76 13.39 1.93 1.88
N LEU A 77 13.78 1.04 1.00
CA LEU A 77 13.82 -0.40 1.32
C LEU A 77 15.23 -0.95 1.31
N ALA A 78 15.50 -1.86 2.24
CA ALA A 78 16.76 -2.59 2.23
C ALA A 78 16.65 -3.74 1.24
N GLU A 79 17.71 -4.00 0.49
CA GLU A 79 17.73 -5.14 -0.42
C GLU A 79 17.70 -6.39 0.43
N ILE A 80 16.85 -7.36 0.11
CA ILE A 80 16.81 -8.54 0.96
C ILE A 80 17.70 -9.63 0.37
N THR A 81 18.24 -10.44 1.28
CA THR A 81 19.37 -11.32 1.03
C THR A 81 19.17 -12.76 1.50
N PRO A 82 18.13 -13.46 1.03
CA PRO A 82 17.98 -14.80 1.59
C PRO A 82 18.89 -15.84 0.92
N ASP A 83 19.39 -16.78 1.71
CA ASP A 83 20.18 -17.88 1.18
C ASP A 83 19.30 -18.69 0.25
N LYS A 84 19.90 -19.24 -0.81
CA LYS A 84 19.15 -19.96 -1.82
C LYS A 84 18.32 -21.11 -1.24
N ALA A 85 18.81 -21.69 -0.15
CA ALA A 85 18.07 -22.73 0.55
C ALA A 85 16.71 -22.21 1.03
N PHE A 86 16.69 -20.96 1.48
CA PHE A 86 15.44 -20.36 1.95
C PHE A 86 14.53 -20.01 0.77
N GLN A 87 15.11 -19.47 -0.29
CA GLN A 87 14.33 -19.08 -1.46
C GLN A 87 13.56 -20.25 -2.05
N ALA A 88 14.14 -21.46 -1.94
CA ALA A 88 13.49 -22.66 -2.46
C ALA A 88 12.22 -23.03 -1.67
N ALA A 89 12.06 -22.48 -0.47
CA ALA A 89 10.91 -22.77 0.37
C ALA A 89 9.63 -22.07 -0.10
N LEU A 90 9.77 -21.01 -0.90
CA LEU A 90 8.62 -20.26 -1.41
C LEU A 90 8.48 -20.49 -2.90
N TYR A 91 7.26 -20.29 -3.42
CA TYR A 91 7.02 -20.43 -4.85
C TYR A 91 7.78 -19.37 -5.64
N PRO A 92 8.26 -19.74 -6.84
CA PRO A 92 9.10 -18.84 -7.63
C PRO A 92 8.34 -17.59 -8.06
N PHE A 93 7.06 -17.73 -8.37
CA PHE A 93 6.31 -16.60 -8.88
C PHE A 93 6.08 -15.56 -7.77
N THR A 94 6.18 -15.96 -6.51
CA THR A 94 6.03 -15.00 -5.44
C THR A 94 7.31 -14.16 -5.27
N TRP A 95 8.48 -14.75 -5.52
CA TRP A 95 9.70 -13.97 -5.51
C TRP A 95 9.70 -12.95 -6.66
N ASP A 96 9.18 -13.37 -7.81
CA ASP A 96 9.09 -12.49 -8.97
C ASP A 96 8.30 -11.22 -8.64
N ALA A 97 7.25 -11.38 -7.85
CA ALA A 97 6.38 -10.27 -7.48
C ALA A 97 7.15 -9.22 -6.67
N VAL A 98 8.24 -9.63 -6.01
CA VAL A 98 8.95 -8.71 -5.14
C VAL A 98 10.36 -8.45 -5.68
N ARG A 99 10.54 -8.71 -6.97
CA ARG A 99 11.76 -8.33 -7.63
C ARG A 99 11.60 -6.98 -8.33
N TYR A 100 12.51 -6.06 -8.05
CA TYR A 100 12.53 -4.75 -8.68
C TYR A 100 13.93 -4.44 -9.17
N ASN A 101 14.07 -4.16 -10.47
CA ASN A 101 15.36 -3.78 -11.05
C ASN A 101 16.43 -4.84 -10.77
N GLY A 102 16.05 -6.11 -10.83
CA GLY A 102 16.97 -7.21 -10.57
C GLY A 102 17.13 -7.61 -9.11
N LYS A 103 16.76 -6.73 -8.20
CA LYS A 103 16.95 -6.99 -6.77
C LYS A 103 15.65 -7.44 -6.09
N LEU A 104 15.79 -8.31 -5.10
CA LEU A 104 14.68 -8.68 -4.23
C LEU A 104 14.49 -7.57 -3.21
N ILE A 105 13.27 -7.03 -3.11
CA ILE A 105 13.05 -5.87 -2.26
C ILE A 105 12.08 -6.16 -1.09
N ALA A 106 11.63 -7.41 -0.99
CA ALA A 106 10.78 -7.82 0.14
C ALA A 106 10.66 -9.33 0.22
N TYR A 107 10.12 -9.83 1.33
CA TYR A 107 9.74 -11.23 1.47
C TYR A 107 8.27 -11.42 1.09
N PRO A 108 8.00 -12.32 0.15
CA PRO A 108 6.61 -12.60 -0.20
C PRO A 108 5.98 -13.46 0.88
N ILE A 109 4.71 -13.18 1.21
CA ILE A 109 4.04 -13.89 2.29
C ILE A 109 2.84 -14.69 1.80
N ALA A 110 1.98 -14.06 0.99
CA ALA A 110 0.71 -14.70 0.65
C ALA A 110 0.10 -14.07 -0.58
N VAL A 111 -0.65 -14.86 -1.33
CA VAL A 111 -1.25 -14.44 -2.58
C VAL A 111 -2.75 -14.16 -2.37
N GLU A 112 -3.17 -12.95 -2.69
CA GLU A 112 -4.53 -12.54 -2.46
C GLU A 112 -5.24 -12.22 -3.76
N ALA A 113 -6.49 -12.70 -3.86
CA ALA A 113 -7.40 -12.29 -4.91
C ALA A 113 -8.78 -12.16 -4.33
N LEU A 114 -9.55 -11.23 -4.88
CA LEU A 114 -10.95 -11.10 -4.52
C LEU A 114 -11.77 -12.27 -5.04
N SER A 115 -12.77 -12.66 -4.25
CA SER A 115 -13.78 -13.63 -4.68
C SER A 115 -15.18 -13.09 -4.45
N LEU A 116 -16.15 -13.73 -5.08
CA LEU A 116 -17.56 -13.54 -4.72
C LEU A 116 -17.90 -14.38 -3.48
N ILE A 117 -18.35 -13.69 -2.43
CA ILE A 117 -18.80 -14.33 -1.18
C ILE A 117 -20.32 -14.25 -1.09
N TYR A 118 -20.99 -15.36 -0.82
CA TYR A 118 -22.46 -15.32 -0.87
C TYR A 118 -23.08 -16.05 0.31
N ASN A 119 -24.27 -15.60 0.68
CA ASN A 119 -25.03 -16.17 1.79
C ASN A 119 -25.85 -17.34 1.26
N LYS A 120 -25.50 -18.56 1.68
CA LYS A 120 -26.11 -19.78 1.13
C LYS A 120 -27.59 -19.91 1.48
N ASP A 121 -28.02 -19.26 2.56
CA ASP A 121 -29.42 -19.31 2.96
C ASP A 121 -30.27 -18.37 2.12
N LEU A 122 -29.72 -17.22 1.76
CA LEU A 122 -30.42 -16.26 0.91
C LEU A 122 -30.33 -16.65 -0.54
N LEU A 123 -29.20 -17.22 -0.90
CA LEU A 123 -28.87 -17.42 -2.30
C LEU A 123 -28.11 -18.74 -2.47
N PRO A 124 -28.84 -19.87 -2.42
CA PRO A 124 -28.27 -21.21 -2.60
C PRO A 124 -27.48 -21.32 -3.91
N ASN A 125 -27.98 -20.66 -4.95
CA ASN A 125 -27.35 -20.68 -6.26
C ASN A 125 -27.00 -19.26 -6.73
N PRO A 126 -25.78 -18.80 -6.42
CA PRO A 126 -25.41 -17.43 -6.78
C PRO A 126 -25.28 -17.21 -8.28
N PRO A 127 -25.47 -15.96 -8.72
CA PRO A 127 -25.43 -15.67 -10.16
C PRO A 127 -24.03 -15.83 -10.73
N LYS A 128 -23.97 -16.30 -11.98
CA LYS A 128 -22.70 -16.44 -12.69
C LYS A 128 -22.35 -15.18 -13.49
N THR A 129 -23.31 -14.27 -13.65
CA THR A 129 -23.10 -13.06 -14.45
C THR A 129 -23.45 -11.79 -13.68
N TRP A 130 -22.71 -10.72 -13.94
CA TRP A 130 -23.04 -9.41 -13.39
C TRP A 130 -24.43 -8.96 -13.85
N GLU A 131 -24.77 -9.31 -15.09
CA GLU A 131 -25.98 -8.81 -15.73
C GLU A 131 -27.26 -9.29 -15.06
N GLU A 132 -27.19 -10.40 -14.33
CA GLU A 132 -28.33 -10.94 -13.58
C GLU A 132 -28.61 -10.18 -12.30
N ILE A 133 -27.61 -9.42 -11.84
CA ILE A 133 -27.67 -8.90 -10.48
C ILE A 133 -28.73 -7.80 -10.26
N PRO A 134 -28.95 -6.91 -11.25
CA PRO A 134 -30.01 -5.93 -11.00
C PRO A 134 -31.38 -6.55 -10.73
N ALA A 135 -31.78 -7.56 -11.50
CA ALA A 135 -33.11 -8.15 -11.33
C ALA A 135 -33.15 -8.98 -10.07
N LEU A 136 -32.01 -9.58 -9.73
CA LEU A 136 -31.90 -10.33 -8.49
C LEU A 136 -32.10 -9.39 -7.30
N ASP A 137 -31.54 -8.18 -7.38
CA ASP A 137 -31.69 -7.23 -6.31
C ASP A 137 -33.16 -6.83 -6.16
N LYS A 138 -33.79 -6.55 -7.28
CA LYS A 138 -35.22 -6.18 -7.27
C LYS A 138 -36.07 -7.24 -6.55
N GLU A 139 -35.82 -8.51 -6.86
CA GLU A 139 -36.52 -9.60 -6.19
CA GLU A 139 -36.50 -9.61 -6.18
C GLU A 139 -36.23 -9.63 -4.69
N LEU A 140 -34.95 -9.46 -4.31
CA LEU A 140 -34.57 -9.52 -2.91
C LEU A 140 -35.09 -8.32 -2.12
N LYS A 141 -35.24 -7.18 -2.78
CA LYS A 141 -35.72 -5.97 -2.12
C LYS A 141 -37.15 -6.19 -1.60
N ALA A 142 -37.86 -7.09 -2.25
CA ALA A 142 -39.25 -7.39 -1.88
C ALA A 142 -39.30 -8.14 -0.56
N LYS A 143 -38.21 -8.83 -0.24
CA LYS A 143 -38.09 -9.53 1.04
C LYS A 143 -37.23 -8.72 1.99
N GLY A 144 -37.07 -7.43 1.67
CA GLY A 144 -36.30 -6.54 2.51
C GLY A 144 -34.80 -6.79 2.51
N LYS A 145 -34.28 -7.42 1.46
CA LYS A 145 -32.83 -7.71 1.34
C LYS A 145 -32.23 -7.05 0.10
N SER A 146 -30.91 -7.06 -0.02
CA SER A 146 -30.27 -6.60 -1.26
C SER A 146 -29.38 -7.70 -1.82
N ALA A 147 -29.08 -7.62 -3.11
CA ALA A 147 -28.32 -8.67 -3.77
C ALA A 147 -26.84 -8.58 -3.43
N LEU A 148 -26.28 -7.38 -3.50
CA LEU A 148 -24.83 -7.25 -3.48
C LEU A 148 -24.39 -5.94 -2.84
N MET A 149 -23.48 -6.02 -1.88
CA MET A 149 -22.82 -4.82 -1.37
C MET A 149 -21.33 -5.08 -1.22
N PHE A 150 -20.53 -4.14 -1.70
CA PHE A 150 -19.08 -4.22 -1.52
C PHE A 150 -18.45 -2.83 -1.48
N ASN A 151 -17.18 -2.76 -1.09
CA ASN A 151 -16.51 -1.48 -0.90
C ASN A 151 -16.35 -0.72 -2.22
N LEU A 152 -17.20 0.29 -2.42
CA LEU A 152 -17.12 1.10 -3.63
C LEU A 152 -16.06 2.21 -3.56
N GLN A 153 -15.48 2.46 -2.38
CA GLN A 153 -14.56 3.57 -2.20
C GLN A 153 -13.13 3.26 -2.63
N GLU A 154 -12.76 1.98 -2.67
CA GLU A 154 -11.42 1.59 -3.10
C GLU A 154 -11.48 0.91 -4.45
N PRO A 155 -10.69 1.39 -5.42
CA PRO A 155 -10.78 0.87 -6.78
C PRO A 155 -10.39 -0.59 -6.89
N TYR A 156 -9.63 -1.10 -5.92
CA TYR A 156 -9.30 -2.51 -5.85
C TYR A 156 -10.54 -3.39 -6.05
N PHE A 157 -11.66 -2.95 -5.48
CA PHE A 157 -12.89 -3.75 -5.45
C PHE A 157 -13.71 -3.61 -6.72
N THR A 158 -13.57 -2.48 -7.41
CA THR A 158 -14.33 -2.28 -8.64
C THR A 158 -13.51 -2.71 -9.85
N TRP A 159 -12.19 -2.78 -9.69
CA TRP A 159 -11.30 -3.14 -10.80
C TRP A 159 -11.66 -4.46 -11.51
N PRO A 160 -12.06 -5.52 -10.77
CA PRO A 160 -12.35 -6.76 -11.51
C PRO A 160 -13.40 -6.59 -12.62
N LEU A 161 -14.39 -5.75 -12.36
CA LEU A 161 -15.43 -5.44 -13.34
C LEU A 161 -14.93 -4.53 -14.46
N ILE A 162 -14.22 -3.47 -14.08
CA ILE A 162 -13.60 -2.58 -15.06
C ILE A 162 -12.67 -3.33 -16.05
N ALA A 163 -11.91 -4.30 -15.53
CA ALA A 163 -10.98 -5.03 -16.38
C ALA A 163 -11.66 -6.11 -17.22
N ALA A 164 -12.84 -6.56 -16.80
CA ALA A 164 -13.50 -7.70 -17.45
C ALA A 164 -13.58 -7.57 -18.97
N ASP A 165 -14.03 -6.42 -19.46
CA ASP A 165 -14.23 -6.22 -20.89
C ASP A 165 -13.08 -5.48 -21.56
N GLY A 166 -11.98 -5.27 -20.83
CA GLY A 166 -10.80 -4.73 -21.49
C GLY A 166 -10.03 -3.62 -20.79
N GLY A 167 -10.45 -3.22 -19.60
CA GLY A 167 -9.65 -2.28 -18.83
C GLY A 167 -8.29 -2.88 -18.50
N TYR A 168 -7.24 -2.06 -18.52
CA TYR A 168 -5.93 -2.49 -18.02
C TYR A 168 -5.19 -1.31 -17.39
N ALA A 169 -4.16 -1.59 -16.60
CA ALA A 169 -3.47 -0.52 -15.90
C ALA A 169 -2.45 0.09 -16.83
N PHE A 170 -1.35 -0.63 -17.05
CA PHE A 170 -0.36 -0.23 -18.06
C PHE A 170 -0.14 -1.34 -19.08
N LYS A 171 -0.09 -0.97 -20.36
CA LYS A 171 0.16 -1.94 -21.42
C LYS A 171 1.52 -2.60 -21.22
N TYR A 172 1.55 -3.92 -21.31
CA TYR A 172 2.80 -4.66 -21.24
C TYR A 172 3.20 -5.09 -22.64
N GLU A 173 4.24 -4.46 -23.17
CA GLU A 173 4.71 -4.76 -24.51
C GLU A 173 6.24 -4.74 -24.56
N ASN A 174 6.81 -5.83 -25.07
CA ASN A 174 8.25 -6.01 -25.22
C ASN A 174 8.97 -6.02 -23.88
N GLY A 175 8.49 -6.88 -22.97
CA GLY A 175 9.14 -7.07 -21.68
C GLY A 175 9.15 -5.87 -20.76
N LYS A 176 8.41 -4.83 -21.12
CA LYS A 176 8.34 -3.63 -20.29
C LYS A 176 6.90 -3.13 -20.17
N TYR A 177 6.63 -2.38 -19.11
CA TYR A 177 5.37 -1.66 -19.01
C TYR A 177 5.48 -0.31 -19.70
N ASP A 178 4.54 0.00 -20.58
CA ASP A 178 4.47 1.32 -21.19
C ASP A 178 3.72 2.24 -20.24
N ILE A 179 4.47 3.08 -19.54
CA ILE A 179 3.90 3.91 -18.47
C ILE A 179 3.05 5.05 -19.02
N LYS A 180 3.08 5.24 -20.33
CA LYS A 180 2.22 6.25 -20.97
C LYS A 180 1.00 5.65 -21.65
N ASP A 181 0.84 4.33 -21.57
CA ASP A 181 -0.32 3.65 -22.15
C ASP A 181 -1.17 3.08 -21.02
N VAL A 182 -1.98 3.94 -20.43
CA VAL A 182 -2.89 3.56 -19.35
C VAL A 182 -4.21 3.09 -19.96
N GLY A 183 -4.75 1.98 -19.47
CA GLY A 183 -5.86 1.37 -20.18
C GLY A 183 -7.24 1.51 -19.57
N VAL A 184 -7.58 2.70 -19.05
CA VAL A 184 -8.95 2.88 -18.55
C VAL A 184 -9.78 3.84 -19.39
N ASP A 185 -9.18 4.46 -20.40
CA ASP A 185 -9.87 5.33 -21.35
CA ASP A 185 -9.97 5.28 -21.31
C ASP A 185 -10.22 4.53 -22.61
N ASN A 186 -10.78 3.34 -22.45
CA ASN A 186 -11.17 2.53 -23.61
C ASN A 186 -12.58 2.00 -23.42
N ALA A 187 -13.10 1.36 -24.47
CA ALA A 187 -14.51 0.98 -24.49
C ALA A 187 -14.81 -0.07 -23.42
N GLY A 188 -13.86 -0.96 -23.16
CA GLY A 188 -14.03 -2.02 -22.18
C GLY A 188 -14.13 -1.50 -20.76
N ALA A 189 -13.20 -0.62 -20.38
CA ALA A 189 -13.25 0.02 -19.07
C ALA A 189 -14.56 0.79 -18.92
N LYS A 190 -14.94 1.50 -19.96
CA LYS A 190 -16.14 2.34 -19.94
C LYS A 190 -17.38 1.49 -19.78
N ALA A 191 -17.41 0.33 -20.44
CA ALA A 191 -18.55 -0.57 -20.30
C ALA A 191 -18.70 -1.07 -18.87
N GLY A 192 -17.59 -1.48 -18.25
CA GLY A 192 -17.63 -1.96 -16.88
C GLY A 192 -18.03 -0.89 -15.88
N LEU A 193 -17.45 0.30 -16.00
CA LEU A 193 -17.79 1.38 -15.09
C LEU A 193 -19.23 1.87 -15.31
N THR A 194 -19.66 1.87 -16.56
CA THR A 194 -21.06 2.22 -16.85
C THR A 194 -22.03 1.21 -16.19
N PHE A 195 -21.69 -0.08 -16.23
CA PHE A 195 -22.57 -1.07 -15.58
C PHE A 195 -22.68 -0.78 -14.09
N LEU A 196 -21.55 -0.45 -13.49
CA LEU A 196 -21.51 -0.13 -12.08
C LEU A 196 -22.30 1.14 -11.73
N VAL A 197 -22.12 2.19 -12.51
CA VAL A 197 -22.84 3.43 -12.29
C VAL A 197 -24.35 3.22 -12.44
N ASP A 198 -24.77 2.40 -13.40
CA ASP A 198 -26.20 2.10 -13.52
C ASP A 198 -26.73 1.31 -12.32
N LEU A 199 -25.93 0.43 -11.74
CA LEU A 199 -26.34 -0.25 -10.51
C LEU A 199 -26.72 0.76 -9.43
N ILE A 200 -25.96 1.84 -9.34
CA ILE A 200 -26.21 2.91 -8.37
C ILE A 200 -27.41 3.77 -8.78
N LYS A 201 -27.46 4.17 -10.05
CA LYS A 201 -28.58 4.94 -10.56
C LYS A 201 -29.91 4.20 -10.37
N ASN A 202 -29.88 2.89 -10.58
CA ASN A 202 -31.08 2.08 -10.45
C ASN A 202 -31.35 1.61 -9.01
N LYS A 203 -30.63 2.22 -8.08
CA LYS A 203 -30.82 2.01 -6.64
C LYS A 203 -30.59 0.56 -6.21
N HIS A 204 -29.63 -0.12 -6.83
CA HIS A 204 -29.25 -1.46 -6.38
C HIS A 204 -28.03 -1.36 -5.48
N MET A 205 -27.36 -0.21 -5.55
CA MET A 205 -26.21 0.08 -4.72
C MET A 205 -26.19 1.56 -4.38
N ASN A 206 -25.50 1.87 -3.30
CA ASN A 206 -25.31 3.24 -2.85
C ASN A 206 -23.88 3.66 -3.07
N ALA A 207 -23.67 4.87 -3.60
CA ALA A 207 -22.32 5.32 -3.90
C ALA A 207 -21.46 5.48 -2.66
N ASP A 208 -22.07 5.61 -1.49
CA ASP A 208 -21.33 5.86 -0.26
CA ASP A 208 -21.30 5.86 -0.28
C ASP A 208 -20.93 4.57 0.47
N THR A 209 -21.27 3.42 -0.09
CA THR A 209 -20.93 2.15 0.56
C THR A 209 -19.41 1.92 0.62
N ASP A 210 -18.91 1.62 1.82
CA ASP A 210 -17.49 1.42 2.01
C ASP A 210 -17.23 0.04 2.62
N TYR A 211 -16.00 -0.21 3.05
CA TYR A 211 -15.65 -1.54 3.52
C TYR A 211 -16.51 -1.96 4.72
N SER A 212 -16.62 -1.08 5.72
CA SER A 212 -17.33 -1.41 6.95
CA SER A 212 -17.32 -1.42 6.95
C SER A 212 -18.81 -1.62 6.73
N ILE A 213 -19.42 -0.74 5.95
CA ILE A 213 -20.85 -0.82 5.65
C ILE A 213 -21.19 -2.12 4.92
N ALA A 214 -20.42 -2.46 3.89
CA ALA A 214 -20.63 -3.71 3.16
C ALA A 214 -20.41 -4.94 4.05
N GLU A 215 -19.35 -4.91 4.86
CA GLU A 215 -19.03 -6.02 5.75
C GLU A 215 -20.14 -6.25 6.78
N ALA A 216 -20.57 -5.17 7.44
CA ALA A 216 -21.66 -5.29 8.41
C ALA A 216 -22.94 -5.79 7.76
N ALA A 217 -23.24 -5.31 6.56
CA ALA A 217 -24.47 -5.73 5.91
C ALA A 217 -24.42 -7.22 5.52
N PHE A 218 -23.27 -7.68 5.02
CA PHE A 218 -23.19 -9.09 4.66
C PHE A 218 -23.21 -9.97 5.91
N ASN A 219 -22.44 -9.59 6.93
CA ASN A 219 -22.28 -10.45 8.10
C ASN A 219 -23.53 -10.46 8.98
N LYS A 220 -24.41 -9.49 8.79
CA LYS A 220 -25.68 -9.44 9.53
C LYS A 220 -26.86 -9.98 8.70
N GLY A 221 -26.56 -10.45 7.49
CA GLY A 221 -27.53 -11.14 6.66
C GLY A 221 -28.47 -10.20 5.91
N GLU A 222 -28.06 -8.96 5.68
CA GLU A 222 -28.92 -7.98 5.01
CA GLU A 222 -28.89 -7.96 5.01
C GLU A 222 -28.71 -7.96 3.48
N THR A 223 -27.57 -8.45 3.03
CA THR A 223 -27.28 -8.53 1.61
C THR A 223 -26.82 -9.94 1.24
N ALA A 224 -27.20 -10.41 0.07
CA ALA A 224 -26.95 -11.80 -0.31
C ALA A 224 -25.50 -12.09 -0.71
N MET A 225 -24.78 -11.05 -1.13
CA MET A 225 -23.42 -11.21 -1.66
C MET A 225 -22.51 -10.04 -1.31
N THR A 226 -21.20 -10.31 -1.27
CA THR A 226 -20.25 -9.24 -1.16
C THR A 226 -19.02 -9.66 -1.94
N ILE A 227 -18.10 -8.73 -2.11
CA ILE A 227 -16.84 -9.05 -2.80
C ILE A 227 -15.72 -8.70 -1.86
N ASN A 228 -14.87 -9.67 -1.57
CA ASN A 228 -13.83 -9.43 -0.61
C ASN A 228 -12.74 -10.50 -0.68
N GLY A 229 -11.69 -10.29 0.09
CA GLY A 229 -10.55 -11.18 0.06
C GLY A 229 -10.53 -12.10 1.25
N PRO A 230 -9.57 -13.03 1.26
CA PRO A 230 -9.45 -14.07 2.29
C PRO A 230 -9.49 -13.53 3.71
N TRP A 231 -8.92 -12.36 3.94
CA TRP A 231 -8.86 -11.77 5.26
C TRP A 231 -10.24 -11.56 5.88
N ALA A 232 -11.26 -11.39 5.03
CA ALA A 232 -12.63 -11.15 5.49
C ALA A 232 -13.34 -12.39 6.06
N TRP A 233 -12.82 -13.59 5.79
CA TRP A 233 -13.58 -14.79 6.13
C TRP A 233 -13.78 -14.98 7.60
N SER A 234 -12.81 -14.53 8.38
CA SER A 234 -12.79 -14.70 9.84
C SER A 234 -13.99 -14.04 10.53
N ASN A 235 -14.30 -12.80 10.15
CA ASN A 235 -15.43 -12.11 10.74
C ASN A 235 -16.78 -12.73 10.32
N ILE A 236 -16.83 -13.33 9.13
CA ILE A 236 -18.04 -14.06 8.73
C ILE A 236 -18.14 -15.37 9.52
N ASP A 237 -17.00 -15.97 9.85
CA ASP A 237 -17.01 -17.21 10.64
C ASP A 237 -17.71 -17.03 11.97
N THR A 238 -17.52 -15.86 12.57
CA THR A 238 -18.09 -15.61 13.89
C THR A 238 -19.54 -15.14 13.82
N SER A 239 -20.01 -14.83 12.61
CA SER A 239 -21.38 -14.40 12.36
C SER A 239 -22.31 -15.59 12.18
N LYS A 240 -23.61 -15.32 12.09
CA LYS A 240 -24.61 -16.37 11.85
C LYS A 240 -24.57 -16.91 10.43
N VAL A 241 -23.92 -16.17 9.52
CA VAL A 241 -24.04 -16.49 8.12
C VAL A 241 -23.35 -17.78 7.70
N ASN A 242 -24.08 -18.55 6.89
CA ASN A 242 -23.54 -19.68 6.16
C ASN A 242 -23.12 -19.20 4.77
N TYR A 243 -21.81 -19.08 4.55
CA TYR A 243 -21.34 -18.43 3.34
C TYR A 243 -20.58 -19.37 2.43
N GLY A 244 -20.50 -18.99 1.15
CA GLY A 244 -19.72 -19.72 0.19
C GLY A 244 -18.79 -18.73 -0.47
N VAL A 245 -17.65 -19.23 -0.96
CA VAL A 245 -16.66 -18.41 -1.66
C VAL A 245 -16.54 -18.98 -3.07
N THR A 246 -16.74 -18.15 -4.09
CA THR A 246 -16.80 -18.69 -5.45
C THR A 246 -16.25 -17.71 -6.49
N VAL A 247 -16.32 -18.10 -7.75
CA VAL A 247 -15.82 -17.27 -8.86
C VAL A 247 -16.64 -15.99 -9.02
N LEU A 248 -15.95 -14.88 -9.29
CA LEU A 248 -16.62 -13.60 -9.54
C LEU A 248 -17.51 -13.74 -10.75
N PRO A 249 -18.58 -12.92 -10.83
CA PRO A 249 -19.48 -13.05 -11.97
C PRO A 249 -18.78 -12.61 -13.23
N THR A 250 -19.22 -13.10 -14.38
CA THR A 250 -18.70 -12.66 -15.67
C THR A 250 -19.36 -11.37 -16.09
N PHE A 251 -18.72 -10.65 -17.03
CA PHE A 251 -19.34 -9.47 -17.61
C PHE A 251 -19.16 -9.52 -19.13
N LYS A 252 -20.27 -9.40 -19.85
CA LYS A 252 -20.32 -9.60 -21.29
C LYS A 252 -19.66 -10.93 -21.68
N GLY A 253 -19.86 -11.95 -20.85
CA GLY A 253 -19.36 -13.29 -21.12
C GLY A 253 -17.88 -13.50 -20.82
N GLN A 254 -17.26 -12.51 -20.18
CA GLN A 254 -15.83 -12.57 -19.88
C GLN A 254 -15.63 -12.58 -18.36
N PRO A 255 -14.61 -13.30 -17.87
CA PRO A 255 -14.46 -13.29 -16.41
C PRO A 255 -14.08 -11.93 -15.86
N SER A 256 -14.51 -11.63 -14.64
CA SER A 256 -13.98 -10.49 -13.91
C SER A 256 -12.51 -10.79 -13.67
N LYS A 257 -11.67 -9.77 -13.74
CA LYS A 257 -10.24 -9.96 -13.67
C LYS A 257 -9.66 -9.18 -12.51
N PRO A 258 -9.66 -9.77 -11.31
CA PRO A 258 -9.15 -9.03 -10.16
C PRO A 258 -7.63 -8.82 -10.24
N PHE A 259 -7.14 -7.68 -9.79
CA PHE A 259 -5.70 -7.52 -9.71
C PHE A 259 -5.21 -8.35 -8.52
N VAL A 260 -4.27 -9.25 -8.78
CA VAL A 260 -3.74 -10.13 -7.74
C VAL A 260 -2.59 -9.48 -6.98
N GLY A 261 -2.69 -9.49 -5.65
CA GLY A 261 -1.63 -8.97 -4.79
C GLY A 261 -0.89 -10.05 -4.02
N VAL A 262 0.41 -9.85 -3.89
CA VAL A 262 1.23 -10.71 -3.05
C VAL A 262 1.56 -9.91 -1.81
N LEU A 263 0.87 -10.21 -0.71
CA LEU A 263 1.20 -9.61 0.58
C LEU A 263 2.70 -9.81 0.82
N SER A 264 3.40 -8.73 1.14
CA SER A 264 4.87 -8.78 1.23
C SER A 264 5.37 -8.03 2.43
N ALA A 265 6.56 -8.39 2.91
CA ALA A 265 7.15 -7.72 4.04
C ALA A 265 8.53 -7.18 3.65
N GLY A 266 8.67 -5.86 3.70
CA GLY A 266 9.93 -5.21 3.35
C GLY A 266 10.62 -4.64 4.58
N ILE A 267 11.92 -4.44 4.49
CA ILE A 267 12.67 -3.88 5.59
C ILE A 267 13.09 -2.42 5.34
N ASN A 268 12.82 -1.57 6.33
CA ASN A 268 13.07 -0.13 6.24
C ASN A 268 14.55 0.09 6.05
N ALA A 269 14.91 0.84 5.01
CA ALA A 269 16.32 1.14 4.76
C ALA A 269 16.96 1.82 5.97
N ALA A 270 16.15 2.52 6.75
CA ALA A 270 16.65 3.25 7.90
C ALA A 270 16.67 2.41 9.18
N SER A 271 16.30 1.15 9.10
CA SER A 271 16.26 0.33 10.31
C SER A 271 17.66 -0.03 10.80
N PRO A 272 17.92 0.19 12.09
CA PRO A 272 19.14 -0.31 12.74
C PRO A 272 19.04 -1.79 13.09
N ASN A 273 17.90 -2.41 12.77
CA ASN A 273 17.61 -3.78 13.22
C ASN A 273 17.42 -4.74 12.07
N LYS A 274 18.21 -4.59 11.02
CA LYS A 274 18.00 -5.34 9.79
C LYS A 274 18.25 -6.84 9.92
N GLU A 275 19.30 -7.25 10.64
CA GLU A 275 19.53 -8.68 10.81
CA GLU A 275 19.58 -8.66 10.88
C GLU A 275 18.43 -9.31 11.66
N LEU A 276 17.95 -8.58 12.68
CA LEU A 276 16.86 -9.05 13.53
C LEU A 276 15.56 -9.20 12.74
N ALA A 277 15.31 -8.22 11.86
CA ALA A 277 14.13 -8.26 10.99
C ALA A 277 14.18 -9.49 10.11
N LYS A 278 15.36 -9.75 9.55
CA LYS A 278 15.57 -10.90 8.67
C LYS A 278 15.33 -12.21 9.39
N GLU A 279 15.78 -12.29 10.64
CA GLU A 279 15.66 -13.56 11.35
C GLU A 279 14.20 -13.79 11.73
N PHE A 280 13.53 -12.71 12.13
CA PHE A 280 12.10 -12.79 12.43
C PHE A 280 11.35 -13.30 11.22
N LEU A 281 11.54 -12.64 10.08
CA LEU A 281 10.78 -12.99 8.89
C LEU A 281 11.13 -14.38 8.36
N GLU A 282 12.41 -14.74 8.35
CA GLU A 282 12.82 -16.00 7.75
C GLU A 282 12.59 -17.20 8.67
N ASN A 283 12.83 -17.02 9.97
CA ASN A 283 12.82 -18.15 10.90
C ASN A 283 11.65 -18.19 11.87
N TYR A 284 10.79 -17.18 11.83
CA TYR A 284 9.63 -17.19 12.71
C TYR A 284 8.35 -17.06 11.90
N LEU A 285 8.24 -16.00 11.10
CA LEU A 285 7.03 -15.80 10.34
C LEU A 285 6.88 -16.82 9.21
N LEU A 286 7.88 -16.93 8.34
CA LEU A 286 7.75 -17.81 7.17
C LEU A 286 8.06 -19.27 7.53
N THR A 287 7.34 -19.77 8.54
CA THR A 287 7.34 -21.17 8.96
C THR A 287 5.89 -21.64 9.02
N ASP A 288 5.68 -22.95 9.10
CA ASP A 288 4.32 -23.48 9.20
C ASP A 288 3.61 -22.89 10.42
N GLU A 289 4.32 -22.85 11.54
CA GLU A 289 3.77 -22.33 12.78
CA GLU A 289 3.75 -22.34 12.78
C GLU A 289 3.50 -20.83 12.72
N GLY A 290 4.41 -20.09 12.10
CA GLY A 290 4.28 -18.65 12.01
C GLY A 290 3.09 -18.25 11.15
N LEU A 291 2.95 -18.87 9.98
CA LEU A 291 1.85 -18.51 9.08
C LEU A 291 0.52 -18.94 9.67
N GLU A 292 0.51 -20.10 10.32
CA GLU A 292 -0.70 -20.59 10.96
CA GLU A 292 -0.69 -20.59 10.96
C GLU A 292 -1.20 -19.61 12.01
N ALA A 293 -0.28 -19.05 12.79
CA ALA A 293 -0.67 -18.09 13.83
C ALA A 293 -1.40 -16.88 13.23
N VAL A 294 -0.85 -16.34 12.16
CA VAL A 294 -1.50 -15.20 11.49
C VAL A 294 -2.80 -15.63 10.81
N ASN A 295 -2.74 -16.75 10.10
CA ASN A 295 -3.85 -17.24 9.29
C ASN A 295 -5.08 -17.55 10.16
N LYS A 296 -4.81 -17.97 11.40
CA LYS A 296 -5.85 -18.26 12.38
C LYS A 296 -6.59 -17.00 12.79
N ASP A 297 -5.87 -15.88 12.75
CA ASP A 297 -6.43 -14.56 13.07
C ASP A 297 -7.29 -14.06 11.90
N LYS A 298 -6.62 -13.77 10.79
CA LYS A 298 -7.29 -13.40 9.53
C LYS A 298 -6.61 -14.19 8.42
N PRO A 299 -7.40 -14.96 7.65
CA PRO A 299 -6.77 -15.81 6.62
C PRO A 299 -5.94 -15.03 5.61
N LEU A 300 -4.78 -15.58 5.27
CA LEU A 300 -3.81 -14.93 4.37
C LEU A 300 -4.09 -15.12 2.89
N GLY A 301 -4.90 -16.13 2.56
CA GLY A 301 -5.05 -16.58 1.20
C GLY A 301 -4.10 -17.73 0.91
N ALA A 302 -3.60 -17.82 -0.32
CA ALA A 302 -2.66 -18.89 -0.64
C ALA A 302 -1.23 -18.45 -0.33
N VAL A 303 -0.63 -19.06 0.70
CA VAL A 303 0.64 -18.57 1.22
C VAL A 303 1.84 -18.92 0.32
N ALA A 304 2.86 -18.07 0.34
CA ALA A 304 4.05 -18.27 -0.46
C ALA A 304 4.86 -19.51 -0.04
N LEU A 305 4.78 -19.87 1.25
CA LEU A 305 5.51 -21.01 1.80
C LEU A 305 4.91 -22.33 1.36
N LYS A 306 5.68 -23.06 0.54
CA LYS A 306 5.19 -24.29 -0.09
C LYS A 306 4.71 -25.35 0.90
N SER A 307 5.41 -25.50 2.02
CA SER A 307 5.02 -26.54 2.98
C SER A 307 3.63 -26.29 3.58
N TYR A 308 3.32 -25.04 3.92
CA TYR A 308 2.06 -24.74 4.57
C TYR A 308 0.91 -24.55 3.58
N GLU A 309 1.24 -24.10 2.38
CA GLU A 309 0.24 -23.97 1.32
C GLU A 309 -0.26 -25.35 0.89
N GLU A 310 0.54 -26.38 1.18
CA GLU A 310 0.14 -27.76 0.93
C GLU A 310 -1.16 -28.10 1.66
N GLU A 311 -1.26 -27.66 2.90
CA GLU A 311 -2.45 -27.87 3.70
C GLU A 311 -3.57 -26.90 3.26
N LEU A 312 -3.24 -25.62 3.10
CA LEU A 312 -4.26 -24.62 2.79
C LEU A 312 -4.98 -24.89 1.47
N ALA A 313 -4.29 -25.48 0.50
CA ALA A 313 -4.87 -25.74 -0.82
C ALA A 313 -6.08 -26.68 -0.82
N LYS A 314 -6.29 -27.40 0.28
CA LYS A 314 -7.42 -28.34 0.32
C LYS A 314 -8.72 -27.63 0.69
N ASP A 315 -8.59 -26.40 1.18
CA ASP A 315 -9.74 -25.54 1.49
C ASP A 315 -10.37 -25.04 0.19
N PRO A 316 -11.68 -25.30 0.01
CA PRO A 316 -12.44 -24.87 -1.17
C PRO A 316 -12.47 -23.36 -1.32
N ARG A 317 -12.26 -22.65 -0.22
CA ARG A 317 -12.24 -21.20 -0.27
C ARG A 317 -10.94 -20.70 -0.91
N ILE A 318 -9.85 -21.41 -0.66
CA ILE A 318 -8.56 -21.03 -1.22
C ILE A 318 -8.53 -21.47 -2.67
N ALA A 319 -9.21 -22.57 -2.98
CA ALA A 319 -9.34 -22.99 -4.36
C ALA A 319 -10.10 -21.95 -5.20
N ALA A 320 -11.18 -21.38 -4.67
CA ALA A 320 -11.89 -20.30 -5.37
C ALA A 320 -11.02 -19.04 -5.49
N THR A 321 -10.30 -18.72 -4.41
CA THR A 321 -9.38 -17.59 -4.39
C THR A 321 -8.40 -17.74 -5.56
N MET A 322 -7.89 -18.96 -5.74
CA MET A 322 -6.89 -19.19 -6.77
C MET A 322 -7.54 -19.26 -8.16
N GLU A 323 -8.80 -19.66 -8.25
CA GLU A 323 -9.46 -19.65 -9.56
C GLU A 323 -9.61 -18.21 -10.04
N ASN A 324 -10.02 -17.33 -9.12
CA ASN A 324 -10.15 -15.91 -9.43
C ASN A 324 -8.81 -15.26 -9.74
N ALA A 325 -7.79 -15.63 -8.98
CA ALA A 325 -6.45 -15.11 -9.20
C ALA A 325 -5.97 -15.42 -10.62
N GLN A 326 -6.28 -16.61 -11.10
CA GLN A 326 -5.83 -17.05 -12.43
C GLN A 326 -6.58 -16.34 -13.54
N LYS A 327 -7.82 -15.96 -13.26
CA LYS A 327 -8.60 -15.21 -14.22
C LYS A 327 -8.15 -13.75 -14.25
N GLY A 328 -7.51 -13.30 -13.19
CA GLY A 328 -7.02 -11.94 -13.10
C GLY A 328 -5.56 -11.80 -13.53
N GLU A 329 -4.88 -10.78 -13.01
CA GLU A 329 -3.47 -10.54 -13.30
C GLU A 329 -2.74 -10.09 -12.05
N ILE A 330 -1.49 -10.52 -11.91
CA ILE A 330 -0.64 -10.02 -10.85
C ILE A 330 -0.37 -8.54 -11.11
N MET A 331 -0.51 -7.71 -10.08
CA MET A 331 -0.29 -6.28 -10.23
C MET A 331 1.16 -6.00 -10.64
N PRO A 332 1.37 -4.96 -11.46
CA PRO A 332 2.74 -4.44 -11.64
C PRO A 332 3.28 -3.92 -10.31
N ASN A 333 4.59 -3.86 -10.14
CA ASN A 333 5.13 -3.21 -8.95
C ASN A 333 5.85 -1.89 -9.30
N ILE A 334 5.75 -1.46 -10.55
CA ILE A 334 6.43 -0.25 -11.01
C ILE A 334 6.05 0.97 -10.16
N PRO A 335 6.94 1.96 -10.07
CA PRO A 335 6.72 3.11 -9.18
C PRO A 335 5.44 3.88 -9.47
N GLN A 336 4.94 3.82 -10.70
CA GLN A 336 3.73 4.55 -11.09
C GLN A 336 2.44 3.91 -10.58
N MET A 337 2.53 2.80 -9.86
CA MET A 337 1.30 2.08 -9.48
C MET A 337 0.42 2.91 -8.55
N SER A 338 1.00 3.61 -7.58
CA SER A 338 0.16 4.37 -6.65
C SER A 338 -0.55 5.52 -7.35
N ALA A 339 0.13 6.11 -8.33
CA ALA A 339 -0.50 7.16 -9.15
C ALA A 339 -1.66 6.62 -9.95
N PHE A 340 -1.46 5.43 -10.53
CA PHE A 340 -2.55 4.74 -11.24
C PHE A 340 -3.74 4.51 -10.32
N TRP A 341 -3.48 4.02 -9.11
CA TRP A 341 -4.56 3.75 -8.18
C TRP A 341 -5.29 5.04 -7.77
N TYR A 342 -4.54 6.11 -7.55
CA TYR A 342 -5.18 7.41 -7.25
C TYR A 342 -6.11 7.82 -8.38
N ALA A 343 -5.65 7.65 -9.63
CA ALA A 343 -6.45 8.05 -10.79
C ALA A 343 -7.72 7.21 -10.92
N VAL A 344 -7.61 5.90 -10.73
CA VAL A 344 -8.82 5.08 -10.82
C VAL A 344 -9.78 5.34 -9.65
N ARG A 345 -9.26 5.56 -8.43
CA ARG A 345 -10.15 5.89 -7.30
CA ARG A 345 -10.13 5.90 -7.30
C ARG A 345 -10.94 7.14 -7.62
N THR A 346 -10.26 8.17 -8.11
CA THR A 346 -10.88 9.44 -8.47
C THR A 346 -11.95 9.29 -9.56
N ALA A 347 -11.66 8.51 -10.59
CA ALA A 347 -12.57 8.34 -11.71
C ALA A 347 -13.85 7.62 -11.29
N VAL A 348 -13.65 6.52 -10.55
CA VAL A 348 -14.76 5.71 -10.08
C VAL A 348 -15.67 6.54 -9.19
N ILE A 349 -15.08 7.26 -8.25
CA ILE A 349 -15.84 8.11 -7.34
C ILE A 349 -16.56 9.26 -8.09
N ASN A 350 -15.86 9.91 -9.02
CA ASN A 350 -16.48 10.99 -9.80
C ASN A 350 -17.64 10.47 -10.66
N ALA A 351 -17.54 9.23 -11.12
CA ALA A 351 -18.61 8.66 -11.94
C ALA A 351 -19.75 8.17 -11.04
N ALA A 352 -19.38 7.52 -9.93
CA ALA A 352 -20.33 7.01 -8.94
C ALA A 352 -21.25 8.08 -8.39
N SER A 353 -20.66 9.23 -8.09
CA SER A 353 -21.37 10.32 -7.46
C SER A 353 -22.25 11.05 -8.47
N GLY A 354 -21.93 10.86 -9.75
CA GLY A 354 -22.65 11.52 -10.82
C GLY A 354 -22.07 12.87 -11.15
N ARG A 355 -20.93 13.16 -10.54
CA ARG A 355 -20.25 14.45 -10.74
C ARG A 355 -19.63 14.55 -12.12
N GLN A 356 -19.27 13.41 -12.70
CA GLN A 356 -18.79 13.35 -14.08
C GLN A 356 -19.38 12.16 -14.81
N THR A 357 -19.52 12.28 -16.13
CA THR A 357 -19.89 11.13 -16.95
C THR A 357 -18.78 10.09 -16.90
N VAL A 358 -19.13 8.83 -17.12
CA VAL A 358 -18.15 7.76 -17.20
C VAL A 358 -17.06 8.11 -18.21
N ASP A 359 -17.46 8.67 -19.36
CA ASP A 359 -16.50 9.02 -20.40
CA ASP A 359 -16.51 9.04 -20.41
C ASP A 359 -15.51 10.06 -19.90
N GLU A 360 -16.02 11.15 -19.32
CA GLU A 360 -15.18 12.24 -18.83
C GLU A 360 -14.25 11.80 -17.69
N ALA A 361 -14.82 11.05 -16.75
CA ALA A 361 -14.05 10.51 -15.62
C ALA A 361 -12.85 9.66 -16.07
N LEU A 362 -13.09 8.75 -17.00
CA LEU A 362 -12.02 7.87 -17.46
C LEU A 362 -11.03 8.58 -18.38
N LYS A 363 -11.52 9.56 -19.13
CA LYS A 363 -10.67 10.35 -20.01
C LYS A 363 -9.67 11.19 -19.22
N ASP A 364 -10.02 11.55 -18.00
CA ASP A 364 -9.14 12.36 -17.16
C ASP A 364 -8.10 11.52 -16.39
N ALA A 365 -8.24 10.21 -16.41
CA ALA A 365 -7.41 9.34 -15.55
C ALA A 365 -5.90 9.45 -15.79
N GLN A 366 -5.47 9.34 -17.04
CA GLN A 366 -4.02 9.38 -17.28
C GLN A 366 -3.40 10.70 -16.82
N THR A 367 -4.13 11.80 -17.06
CA THR A 367 -3.70 13.11 -16.60
C THR A 367 -3.62 13.18 -15.07
N ASN A 368 -4.68 12.71 -14.41
CA ASN A 368 -4.68 12.65 -12.96
C ASN A 368 -3.57 11.78 -12.41
N ALA A 369 -3.31 10.66 -13.08
CA ALA A 369 -2.20 9.77 -12.67
C ALA A 369 -0.88 10.51 -12.80
N ALA A 370 -0.72 11.28 -13.86
CA ALA A 370 0.52 12.01 -14.07
C ALA A 370 0.73 13.03 -12.96
N ALA A 371 -0.35 13.73 -12.61
CA ALA A 371 -0.27 14.73 -11.55
C ALA A 371 0.14 14.11 -10.22
N ALA A 372 -0.47 12.97 -9.90
CA ALA A 372 -0.11 12.21 -8.70
C ALA A 372 1.35 11.79 -8.76
N TYR A 373 1.80 11.30 -9.92
CA TYR A 373 3.17 10.81 -10.00
C TYR A 373 4.18 11.96 -9.86
N GLN A 374 3.84 13.11 -10.41
CA GLN A 374 4.70 14.29 -10.26
C GLN A 374 4.83 14.67 -8.78
N ASN A 375 3.73 14.60 -8.04
CA ASN A 375 3.82 14.83 -6.60
C ASN A 375 4.70 13.78 -5.91
N TYR A 376 4.59 12.53 -6.34
CA TYR A 376 5.40 11.44 -5.76
CA TYR A 376 5.40 11.45 -5.75
C TYR A 376 6.89 11.67 -5.96
N ILE A 377 7.27 12.06 -7.18
CA ILE A 377 8.65 12.41 -7.51
C ILE A 377 9.17 13.56 -6.64
N ALA A 378 8.36 14.61 -6.52
CA ALA A 378 8.75 15.77 -5.73
C ALA A 378 8.94 15.43 -4.26
N LYS A 379 8.04 14.63 -3.70
CA LYS A 379 8.17 14.19 -2.31
C LYS A 379 9.43 13.36 -2.12
N SER A 380 9.73 12.51 -3.08
CA SER A 380 10.91 11.67 -2.99
CA SER A 380 10.93 11.66 -3.01
C SER A 380 12.19 12.51 -3.04
N GLN A 381 12.21 13.50 -3.92
CA GLN A 381 13.38 14.37 -4.07
C GLN A 381 13.60 15.21 -2.81
N ALA A 382 12.51 15.68 -2.23
CA ALA A 382 12.54 16.50 -1.02
C ALA A 382 13.11 15.74 0.17
N SER A 383 13.02 14.42 0.14
CA SER A 383 13.50 13.63 1.26
C SER A 383 15.02 13.72 1.40
N GLU A 384 15.71 14.20 0.37
CA GLU A 384 17.18 14.35 0.42
C GLU A 384 17.59 15.32 1.52
N ALA A 385 16.77 16.34 1.76
CA ALA A 385 17.05 17.30 2.81
C ALA A 385 17.26 16.64 4.17
N PHE A 386 16.48 15.61 4.47
CA PHE A 386 16.57 14.96 5.77
C PHE A 386 17.76 13.99 5.80
N THR A 387 18.10 13.45 4.63
CA THR A 387 19.34 12.68 4.48
C THR A 387 20.57 13.54 4.77
N LEU A 388 20.65 14.70 4.12
CA LEU A 388 21.77 15.60 4.33
C LEU A 388 21.78 16.19 5.74
N ALA A 389 20.60 16.50 6.27
CA ALA A 389 20.51 17.11 7.60
C ALA A 389 21.03 16.17 8.69
N ASP A 390 20.77 14.88 8.53
CA ASP A 390 21.20 13.87 9.50
C ASP A 390 22.73 13.82 9.59
N GLY A 391 23.40 14.01 8.46
CA GLY A 391 24.84 14.11 8.46
C GLY A 391 25.29 15.41 9.12
N LEU A 392 24.68 16.52 8.71
CA LEU A 392 25.05 17.82 9.22
C LEU A 392 24.77 18.01 10.70
N LYS A 393 23.81 17.25 11.23
CA LYS A 393 23.40 17.42 12.62
C LYS A 393 24.45 16.87 13.59
N THR A 394 25.24 15.90 13.14
CA THR A 394 26.31 15.36 13.95
C THR A 394 27.50 16.30 13.88
N THR A 395 27.73 16.84 12.69
CA THR A 395 28.70 17.91 12.48
C THR A 395 28.41 19.09 13.42
N ILE A 396 27.13 19.40 13.62
CA ILE A 396 26.75 20.49 14.51
C ILE A 396 27.13 20.22 15.96
N ASN A 397 26.87 19.00 16.44
CA ASN A 397 27.18 18.68 17.83
C ASN A 397 28.67 18.53 18.09
N THR A 398 29.44 18.14 17.07
CA THR A 398 30.87 17.96 17.26
C THR A 398 31.57 19.32 17.31
N ASN A 399 31.04 20.33 16.64
CA ASN A 399 31.72 21.62 16.64
C ASN A 399 31.03 22.65 17.54
N LEU A 400 29.99 22.21 18.26
CA LEU A 400 29.43 23.01 19.33
C LEU A 400 30.43 23.08 20.48
N GLN A 401 31.33 22.10 20.52
CA GLN A 401 32.37 22.03 21.53
C GLN A 401 33.31 23.22 21.42
N ALA A 402 33.57 23.65 20.20
CA ALA A 402 34.36 24.86 19.95
C ALA A 402 33.56 26.10 20.34
N GLY A 403 32.36 25.90 20.89
CA GLY A 403 31.54 26.98 21.39
C GLY A 403 30.68 27.68 20.36
N THR A 404 30.66 27.16 19.14
CA THR A 404 29.92 27.82 18.06
C THR A 404 29.17 26.81 17.18
N CYS A 405 28.37 27.32 16.24
CA CYS A 405 27.62 26.47 15.33
C CYS A 405 28.50 25.92 14.21
N PHE A 406 29.73 26.40 14.12
CA PHE A 406 30.58 26.14 12.97
C PHE A 406 31.98 25.65 13.36
N ALA A 407 32.85 25.58 12.34
CA ALA A 407 34.32 25.48 12.45
C ALA A 407 34.93 24.87 13.71
N GLY A 408 36.06 25.47 14.08
CA GLY A 408 36.65 25.30 15.39
C GLY A 408 36.53 26.66 16.05
N GLY A 409 35.41 27.33 15.79
CA GLY A 409 35.12 28.60 16.44
C GLY A 409 34.61 29.75 15.57
N ALA A 410 34.53 29.57 14.26
CA ALA A 410 34.15 30.68 13.40
C ALA A 410 32.68 31.06 13.57
N THR A 411 32.31 32.22 13.05
CA THR A 411 30.92 32.66 13.07
C THR A 411 30.41 32.80 11.64
N ALA A 412 31.21 32.30 10.70
CA ALA A 412 30.76 32.08 9.33
C ALA A 412 30.84 30.59 9.05
N VAL A 413 29.99 30.09 8.16
CA VAL A 413 30.06 28.69 7.79
C VAL A 413 31.30 28.35 6.98
N THR A 414 32.08 27.43 7.51
CA THR A 414 33.20 26.88 6.76
C THR A 414 32.68 25.97 5.66
N ALA A 415 33.55 25.60 4.73
CA ALA A 415 33.17 24.68 3.68
C ALA A 415 33.01 23.27 4.26
N ALA A 416 33.50 23.10 5.49
CA ALA A 416 33.33 21.85 6.22
C ALA A 416 31.96 21.79 6.90
N ASP A 417 31.19 22.85 6.74
CA ASP A 417 29.85 22.93 7.32
C ASP A 417 28.76 22.93 6.25
N LYS A 418 29.19 22.82 5.00
CA LYS A 418 28.28 22.71 3.87
C LYS A 418 28.32 21.30 3.29
N VAL A 419 27.30 20.94 2.53
CA VAL A 419 27.27 19.63 1.90
C VAL A 419 26.40 19.63 0.64
N SER A 420 26.93 19.06 -0.43
CA SER A 420 26.26 19.07 -1.72
C SER A 420 25.37 17.84 -1.87
N GLY A 421 24.25 18.00 -2.56
CA GLY A 421 23.34 16.88 -2.78
C GLY A 421 23.02 16.78 -4.26
N LYS A 422 22.17 15.82 -4.62
CA LYS A 422 21.78 15.69 -6.02
C LYS A 422 20.73 16.71 -6.43
N TYR A 423 19.85 17.09 -5.50
CA TYR A 423 18.73 17.96 -5.83
C TYR A 423 18.84 19.34 -5.18
N GLY A 424 19.92 19.56 -4.44
CA GLY A 424 20.10 20.80 -3.72
C GLY A 424 21.28 20.71 -2.76
N ASP A 425 21.53 21.77 -2.01
CA ASP A 425 22.65 21.80 -1.05
C ASP A 425 22.18 22.18 0.33
N ALA A 426 22.81 21.62 1.35
CA ALA A 426 22.48 21.98 2.72
C ALA A 426 23.66 22.66 3.40
N GLU A 427 23.36 23.52 4.37
CA GLU A 427 24.42 24.12 5.18
C GLU A 427 23.94 24.45 6.60
N ILE A 428 24.86 24.39 7.55
CA ILE A 428 24.58 24.77 8.92
C ILE A 428 24.33 26.27 9.01
N GLY A 429 23.53 26.70 9.98
CA GLY A 429 23.29 28.11 10.19
C GLY A 429 22.99 28.41 11.64
N GLY A 430 22.50 29.61 11.89
CA GLY A 430 22.10 30.05 13.21
C GLY A 430 23.19 30.57 14.10
N THR A 431 22.90 30.76 15.37
CA THR A 431 23.88 31.25 16.30
C THR A 431 23.60 30.67 17.66
N ALA A 432 24.58 30.79 18.54
CA ALA A 432 24.52 30.37 19.93
C ALA A 432 24.25 28.89 20.08
N PRO A 433 23.26 28.49 20.97
CA PRO A 433 23.06 27.04 20.99
C PRO A 433 21.90 26.63 20.07
N ASN A 434 21.31 27.59 19.37
CA ASN A 434 20.20 27.32 18.49
C ASN A 434 20.60 27.27 17.03
N CYS A 435 21.18 26.15 16.64
CA CYS A 435 21.70 25.98 15.31
C CYS A 435 20.60 25.56 14.32
N THR A 436 20.75 25.98 13.08
CA THR A 436 19.83 25.58 12.02
C THR A 436 20.53 24.86 10.88
N ILE A 437 19.77 24.06 10.15
CA ILE A 437 20.21 23.49 8.89
C ILE A 437 19.29 23.99 7.79
N THR A 438 19.87 24.54 6.73
CA THR A 438 19.07 24.98 5.58
C THR A 438 19.41 24.16 4.34
N TYR A 439 18.38 23.60 3.72
CA TYR A 439 18.54 22.84 2.48
C TYR A 439 17.89 23.64 1.37
N THR A 440 18.68 23.99 0.35
CA THR A 440 18.15 24.79 -0.75
C THR A 440 18.14 23.99 -2.04
N PHE A 441 16.97 23.89 -2.66
CA PHE A 441 16.86 23.16 -3.91
C PHE A 441 17.51 23.93 -5.04
N LYS A 442 18.00 23.19 -6.02
CA LYS A 442 18.54 23.82 -7.22
C LYS A 442 17.42 24.50 -7.99
N SER A 443 17.79 25.42 -8.89
CA SER A 443 16.81 26.21 -9.63
C SER A 443 16.28 25.44 -10.84
N SER A 444 16.87 24.27 -11.07
CA SER A 444 16.45 23.38 -12.15
C SER A 444 16.99 21.99 -11.84
N GLY A 445 16.59 21.00 -12.64
CA GLY A 445 17.08 19.65 -12.45
C GLY A 445 16.40 19.00 -11.26
N VAL A 446 15.24 19.52 -10.93
CA VAL A 446 14.44 18.98 -9.84
C VAL A 446 13.03 19.45 -10.13
N SER A 447 12.05 18.84 -9.49
CA SER A 447 10.66 19.21 -9.71
C SER A 447 10.45 20.73 -9.64
N ASN A 448 9.67 21.26 -10.59
CA ASN A 448 9.38 22.68 -10.62
C ASN A 448 8.50 23.11 -9.43
N LYS A 449 7.96 22.13 -8.72
CA LYS A 449 7.30 22.39 -7.45
C LYS A 449 8.35 22.79 -6.39
N LEU A 450 9.58 22.32 -6.59
CA LEU A 450 10.63 22.45 -5.58
C LEU A 450 11.72 23.48 -5.94
N THR A 451 11.90 23.77 -7.22
CA THR A 451 13.04 24.58 -7.65
C THR A 451 13.17 25.89 -6.86
N SER A 452 14.38 26.11 -6.34
CA SER A 452 14.77 27.34 -5.65
C SER A 452 14.06 27.55 -4.31
N THR A 453 13.31 26.56 -3.83
CA THR A 453 12.72 26.66 -2.51
C THR A 453 13.72 26.13 -1.49
N LYS A 454 13.48 26.41 -0.21
CA LYS A 454 14.38 25.96 0.83
C LYS A 454 13.62 25.36 2.01
N ILE A 455 14.23 24.33 2.59
CA ILE A 455 13.74 23.74 3.83
C ILE A 455 14.66 24.21 4.95
N VAL A 456 14.11 24.90 5.93
CA VAL A 456 14.92 25.34 7.05
C VAL A 456 14.54 24.57 8.30
N MET A 457 15.55 24.00 8.95
CA MET A 457 15.32 23.14 10.10
C MET A 457 15.98 23.70 11.35
N ASN A 458 15.22 23.75 12.43
CA ASN A 458 15.79 23.98 13.74
C ASN A 458 16.34 22.66 14.29
N VAL A 459 17.51 22.70 14.91
CA VAL A 459 18.10 21.50 15.47
C VAL A 459 18.07 21.56 16.98
N SER A 460 17.36 20.61 17.59
CA SER A 460 17.31 20.54 19.04
C SER A 460 18.65 20.05 19.57
N GLU A 461 18.81 20.10 20.89
CA GLU A 461 20.08 19.76 21.51
C GLU A 461 20.25 18.25 21.46
N THR A 462 19.11 17.58 21.29
CA THR A 462 19.06 16.13 21.19
C THR A 462 19.02 15.65 19.73
N GLY A 463 19.15 16.60 18.80
CA GLY A 463 19.27 16.28 17.38
C GLY A 463 17.96 16.15 16.62
N ILE A 464 16.85 16.50 17.26
CA ILE A 464 15.55 16.46 16.59
C ILE A 464 15.36 17.68 15.69
N LEU A 465 14.98 17.43 14.44
CA LEU A 465 14.78 18.50 13.48
C LEU A 465 13.32 18.95 13.43
N THR A 466 13.09 20.25 13.63
CA THR A 466 11.75 20.79 13.53
C THR A 466 11.69 21.86 12.45
N LYS A 467 10.49 22.17 12.01
CA LYS A 467 10.29 23.10 10.91
C LYS A 467 10.45 24.56 11.34
N ASN A 468 11.44 25.23 10.73
CA ASN A 468 11.67 26.64 10.90
C ASN A 468 10.82 27.41 9.90
N SER A 469 10.31 28.58 10.28
CA SER A 469 9.30 29.26 9.47
C SER A 469 9.85 29.81 8.16
N GLY A 470 11.18 29.82 8.04
CA GLY A 470 11.81 30.25 6.80
C GLY A 470 11.58 29.29 5.64
N THR A 471 11.10 28.09 5.96
CA THR A 471 10.79 27.09 4.95
C THR A 471 9.77 27.61 3.93
N ASP A 472 10.05 27.49 2.64
CA ASP A 472 9.04 27.79 1.63
C ASP A 472 8.87 26.65 0.62
N THR A 473 9.56 25.53 0.84
CA THR A 473 9.25 24.32 0.11
C THR A 473 7.79 23.94 0.43
N PRO A 474 6.98 23.61 -0.58
CA PRO A 474 5.54 23.38 -0.36
C PRO A 474 5.26 22.40 0.79
N VAL A 475 4.35 22.83 1.66
CA VAL A 475 4.04 22.09 2.87
C VAL A 475 3.50 20.69 2.57
N GLU A 476 2.74 20.57 1.48
CA GLU A 476 2.11 19.29 1.17
C GLU A 476 3.12 18.28 0.59
N LEU A 477 4.35 18.71 0.33
CA LEU A 477 5.39 17.84 -0.20
C LEU A 477 6.40 17.46 0.88
N LEU A 478 6.18 17.97 2.08
CA LEU A 478 7.05 17.69 3.21
C LEU A 478 6.44 16.59 4.05
N PRO A 479 7.28 15.82 4.75
CA PRO A 479 6.75 14.81 5.68
C PRO A 479 5.81 15.48 6.70
N GLN A 480 4.64 14.89 6.92
CA GLN A 480 3.62 15.52 7.75
C GLN A 480 4.09 15.74 9.19
N SER A 481 4.91 14.84 9.71
CA SER A 481 5.44 14.98 11.06
C SER A 481 6.35 16.20 11.19
N PHE A 482 7.13 16.48 10.14
CA PHE A 482 7.97 17.67 10.10
C PHE A 482 7.12 18.92 10.03
N VAL A 483 6.12 18.89 9.16
CA VAL A 483 5.18 20.00 9.01
C VAL A 483 4.48 20.30 10.34
N ALA A 484 4.05 19.24 11.02
CA ALA A 484 3.38 19.36 12.31
C ALA A 484 4.24 20.10 13.34
N SER A 485 5.54 19.80 13.35
CA SER A 485 6.47 20.41 14.29
C SER A 485 6.63 21.91 14.03
N GLY A 486 6.17 22.37 12.86
CA GLY A 486 6.27 23.76 12.50
C GLY A 486 5.20 24.62 13.13
#